data_5TSR
#
_entry.id   5TSR
#
_cell.length_a   155.339
_cell.length_b   125.146
_cell.length_c   52.042
_cell.angle_alpha   90.00
_cell.angle_beta   102.21
_cell.angle_gamma   90.00
#
_symmetry.space_group_name_H-M   'C 1 2 1'
#
loop_
_entity.id
_entity.type
_entity.pdbx_description
1 polymer 'Protein tyrosine phosphatase type IVA 3'
2 polymer 'Metal transporter CNNM3'
3 water water
#
loop_
_entity_poly.entity_id
_entity_poly.type
_entity_poly.pdbx_seq_one_letter_code
_entity_poly.pdbx_strand_id
1 'polypeptide(L)'
;GSHMARMNRPAPVEVSYKHMRFLITHNPTNATLSTFIEDLKKYGATTVVRVCEVTYDKTPLEKDGITVVDWPFDDGAPPP
GKVVEDWLSLVKAKFCEAPGSCVAVHAVAGLGRAPVLVALALIESGMKYEDAIQFIRQKRRGAINSKQLTYLEKYRPKQR
LRFKDPHTHKTR
;
A,C
2 'polypeptide(L)'
;GPLNMIQGVLELRCRTVEDVLTPLEDCFMLDASTVLDFGVLASIMQSGHTRIPVYEEERSNIVDMLYLKDLAFVDPEDCT
PLSTITRFYNHPLHFVFNDTKLDAVLEEFKRGKSHLAIVQKVNNEGEGDPFYEVLGLVTLEDVIEEIIRSEILDE
;
B,D
#
# COMPACT_ATOMS: atom_id res chain seq x y z
N ASN A 8 4.07 -12.76 23.58
CA ASN A 8 4.19 -11.35 23.94
C ASN A 8 5.52 -11.03 24.63
N ARG A 9 6.28 -12.09 24.90
CA ARG A 9 7.47 -12.07 25.75
C ARG A 9 8.64 -11.29 25.12
N PRO A 10 8.99 -10.13 25.70
CA PRO A 10 9.96 -9.23 25.07
C PRO A 10 11.41 -9.74 25.13
N ALA A 11 12.24 -9.22 24.21
CA ALA A 11 13.66 -9.55 24.12
C ALA A 11 14.47 -9.12 25.35
N PRO A 12 15.45 -9.95 25.73
CA PRO A 12 16.46 -9.67 26.76
C PRO A 12 17.02 -8.25 26.73
N VAL A 13 17.03 -7.58 27.88
CA VAL A 13 17.63 -6.24 27.97
C VAL A 13 18.75 -6.19 28.99
N GLU A 14 19.91 -5.72 28.54
CA GLU A 14 21.06 -5.48 29.41
C GLU A 14 20.92 -4.19 30.20
N VAL A 15 21.25 -4.26 31.49
CA VAL A 15 21.45 -3.09 32.33
C VAL A 15 22.88 -3.08 32.82
N SER A 16 23.69 -2.23 32.18
CA SER A 16 25.00 -1.85 32.69
C SER A 16 25.00 -0.55 33.47
N TYR A 17 25.70 -0.59 34.60
CA TYR A 17 26.21 0.61 35.31
C TYR A 17 27.25 0.03 36.28
N LYS A 18 28.16 0.85 36.79
CA LYS A 18 29.18 0.53 37.81
C LYS A 18 30.28 -0.35 37.19
N HIS A 19 30.06 -0.94 36.02
CA HIS A 19 30.69 -2.23 35.65
C HIS A 19 30.18 -3.35 36.56
N MET A 20 28.86 -3.39 36.67
CA MET A 20 28.14 -4.61 36.92
C MET A 20 26.98 -4.58 35.91
N ARG A 21 26.64 -5.79 35.50
CA ARG A 21 25.90 -6.07 34.28
C ARG A 21 24.82 -7.13 34.51
N PHE A 22 23.58 -6.73 34.32
CA PHE A 22 22.45 -7.65 34.51
C PHE A 22 21.72 -7.84 33.19
N LEU A 23 21.22 -9.05 32.95
CA LEU A 23 20.33 -9.23 31.80
C LEU A 23 18.93 -9.65 32.26
N ILE A 24 17.94 -8.81 31.96
CA ILE A 24 16.56 -9.15 32.24
C ILE A 24 15.94 -9.88 31.05
N THR A 25 15.40 -11.07 31.31
CA THR A 25 14.82 -11.90 30.25
C THR A 25 13.43 -12.42 30.62
N HIS A 26 12.78 -13.02 29.63
CA HIS A 26 11.58 -13.82 29.84
C HIS A 26 11.88 -15.24 30.34
N ASN A 27 10.89 -15.87 30.98
CA ASN A 27 10.88 -17.31 31.12
C ASN A 27 10.66 -17.98 29.79
N PRO A 28 11.63 -18.76 29.34
CA PRO A 28 11.38 -19.48 28.08
C PRO A 28 10.46 -20.67 28.25
N THR A 29 10.00 -21.19 27.11
CA THR A 29 9.55 -22.56 27.07
C THR A 29 10.85 -23.08 26.52
N ASN A 30 11.06 -24.39 26.51
CA ASN A 30 12.30 -24.82 25.86
C ASN A 30 12.18 -25.62 24.54
N ALA A 31 11.05 -25.38 23.87
CA ALA A 31 11.00 -25.43 22.43
C ALA A 31 11.88 -24.24 22.05
N THR A 32 11.78 -23.15 22.81
CA THR A 32 12.59 -21.95 22.59
C THR A 32 13.92 -21.83 23.37
N LEU A 33 14.47 -22.94 23.85
CA LEU A 33 15.65 -22.93 24.72
C LEU A 33 16.98 -22.65 24.10
N SER A 34 17.26 -23.27 22.96
CA SER A 34 18.53 -23.07 22.29
C SER A 34 18.81 -21.58 22.11
N THR A 35 17.80 -20.86 21.66
CA THR A 35 17.96 -19.43 21.41
C THR A 35 18.08 -18.66 22.74
N PHE A 36 17.42 -19.17 23.78
CA PHE A 36 17.44 -18.53 25.10
C PHE A 36 18.82 -18.63 25.74
N ILE A 37 19.44 -19.80 25.60
CA ILE A 37 20.84 -20.00 25.98
C ILE A 37 21.73 -19.12 25.12
N GLU A 38 21.37 -18.99 23.85
CA GLU A 38 22.24 -18.30 22.93
C GLU A 38 22.35 -16.82 23.24
N ASP A 39 21.26 -16.18 23.69
CA ASP A 39 21.39 -14.77 24.07
C ASP A 39 22.03 -14.63 25.45
N LEU A 40 22.04 -15.72 26.22
CA LEU A 40 22.75 -15.70 27.49
C LEU A 40 24.25 -15.71 27.28
N LYS A 41 24.74 -16.47 26.31
CA LYS A 41 26.19 -16.48 26.13
C LYS A 41 26.64 -15.34 25.20
N LYS A 42 25.79 -14.88 24.28
CA LYS A 42 26.06 -13.59 23.62
C LYS A 42 26.22 -12.47 24.66
N TYR A 43 25.36 -12.43 25.67
CA TYR A 43 25.51 -11.36 26.67
C TYR A 43 26.55 -11.70 27.73
N GLY A 44 27.03 -12.94 27.69
CA GLY A 44 28.06 -13.39 28.61
C GLY A 44 27.54 -13.64 30.01
N ALA A 45 26.28 -14.07 30.10
CA ALA A 45 25.73 -14.55 31.37
C ALA A 45 26.19 -15.97 31.66
N THR A 46 26.80 -16.16 32.83
CA THR A 46 27.17 -17.49 33.27
C THR A 46 26.28 -17.93 34.44
N THR A 47 25.42 -17.03 34.87
CA THR A 47 24.52 -17.30 35.99
C THR A 47 23.13 -16.72 35.75
N VAL A 48 22.13 -17.59 35.74
CA VAL A 48 20.74 -17.16 35.66
C VAL A 48 20.06 -17.28 37.02
N VAL A 49 19.33 -16.25 37.43
CA VAL A 49 18.47 -16.35 38.60
C VAL A 49 16.99 -16.37 38.24
N ARG A 50 16.37 -17.54 38.31
CA ARG A 50 14.94 -17.59 38.15
C ARG A 50 14.21 -17.38 39.47
N VAL A 51 13.11 -16.66 39.40
CA VAL A 51 12.31 -16.36 40.57
C VAL A 51 10.85 -16.72 40.32
N CYS A 52 10.56 -17.29 39.15
CA CYS A 52 9.21 -17.81 38.87
C CYS A 52 9.14 -19.32 38.98
N GLU A 53 7.99 -19.87 38.62
CA GLU A 53 7.74 -21.32 38.49
C GLU A 53 8.79 -22.03 37.66
N VAL A 54 9.17 -23.24 38.07
CA VAL A 54 10.02 -24.07 37.23
C VAL A 54 9.21 -24.69 36.10
N THR A 55 9.53 -24.28 34.88
CA THR A 55 8.87 -24.77 33.69
C THR A 55 9.83 -25.56 32.85
N TYR A 56 11.10 -25.13 32.89
CA TYR A 56 12.07 -25.70 31.98
C TYR A 56 13.27 -26.39 32.61
N ASP A 57 13.84 -27.36 31.90
CA ASP A 57 14.97 -28.12 32.42
C ASP A 57 16.26 -27.30 32.33
N LYS A 58 16.93 -27.17 33.47
CA LYS A 58 18.15 -26.38 33.57
C LYS A 58 19.43 -27.10 33.15
N THR A 59 19.36 -28.41 33.00
CA THR A 59 20.56 -29.22 32.84
C THR A 59 21.31 -29.05 31.50
N PRO A 60 20.59 -28.75 30.41
CA PRO A 60 21.35 -28.31 29.23
C PRO A 60 22.15 -27.03 29.50
N LEU A 61 21.56 -26.10 30.24
CA LEU A 61 22.22 -24.84 30.57
C LEU A 61 23.39 -25.08 31.51
N GLU A 62 23.25 -26.09 32.37
CA GLU A 62 24.32 -26.45 33.27
C GLU A 62 25.46 -27.09 32.52
N LYS A 63 25.13 -27.87 31.49
CA LYS A 63 26.15 -28.54 30.70
C LYS A 63 26.91 -27.57 29.81
N ASP A 64 26.27 -26.47 29.43
CA ASP A 64 26.94 -25.44 28.64
C ASP A 64 27.66 -24.43 29.54
N GLY A 65 27.68 -24.74 30.83
CA GLY A 65 28.48 -24.00 31.78
C GLY A 65 27.79 -22.79 32.37
N ILE A 66 26.46 -22.83 32.41
CA ILE A 66 25.68 -21.77 33.05
C ILE A 66 24.93 -22.32 34.25
N THR A 67 25.20 -21.76 35.43
CA THR A 67 24.48 -22.15 36.64
C THR A 67 23.12 -21.46 36.71
N VAL A 68 22.08 -22.26 36.95
CA VAL A 68 20.74 -21.73 37.11
C VAL A 68 20.31 -21.84 38.56
N VAL A 69 19.91 -20.71 39.13
CA VAL A 69 19.59 -20.59 40.54
C VAL A 69 18.10 -20.32 40.73
N ASP A 70 17.42 -21.21 41.44
CA ASP A 70 15.98 -21.11 41.60
C ASP A 70 15.59 -20.50 42.95
N TRP A 71 15.23 -19.22 42.93
CA TRP A 71 14.82 -18.50 44.14
C TRP A 71 13.41 -17.92 43.97
N PRO A 72 12.38 -18.77 43.99
CA PRO A 72 11.03 -18.33 43.64
C PRO A 72 10.34 -17.54 44.75
N PHE A 73 9.68 -16.45 44.35
CA PHE A 73 8.77 -15.72 45.21
C PHE A 73 7.62 -15.20 44.36
N ASP A 74 6.52 -14.81 44.98
CA ASP A 74 5.23 -14.90 44.31
C ASP A 74 4.97 -13.77 43.32
N ASP A 75 3.98 -14.01 42.47
CA ASP A 75 3.72 -13.16 41.30
C ASP A 75 3.61 -11.71 41.69
N GLY A 76 4.61 -10.93 41.29
CA GLY A 76 4.62 -9.49 41.48
C GLY A 76 4.68 -9.05 42.94
N ALA A 77 4.94 -10.00 43.83
CA ALA A 77 5.29 -9.64 45.19
C ALA A 77 6.70 -9.08 45.24
N PRO A 78 6.97 -8.21 46.23
CA PRO A 78 8.36 -7.88 46.53
C PRO A 78 9.14 -9.13 46.91
N PRO A 79 10.45 -9.11 46.69
CA PRO A 79 11.33 -10.15 47.24
C PRO A 79 11.23 -10.22 48.75
N PRO A 80 10.93 -11.42 49.29
CA PRO A 80 11.10 -11.69 50.72
C PRO A 80 12.55 -11.39 51.10
N GLY A 81 12.86 -11.13 52.36
CA GLY A 81 14.15 -10.56 52.68
C GLY A 81 15.32 -11.50 52.46
N LYS A 82 15.11 -12.79 52.71
CA LYS A 82 16.13 -13.81 52.48
C LYS A 82 16.57 -13.77 51.00
N VAL A 83 15.60 -13.60 50.12
CA VAL A 83 15.85 -13.64 48.68
C VAL A 83 16.72 -12.44 48.31
N VAL A 84 16.39 -11.27 48.86
CA VAL A 84 17.19 -10.07 48.65
C VAL A 84 18.64 -10.21 49.14
N GLU A 85 18.84 -10.71 50.36
CA GLU A 85 20.21 -10.86 50.87
C GLU A 85 21.00 -11.82 49.98
N ASP A 86 20.39 -12.95 49.65
CA ASP A 86 21.04 -13.91 48.77
C ASP A 86 21.38 -13.28 47.43
N TRP A 87 20.47 -12.47 46.92
CA TRP A 87 20.66 -11.78 45.64
C TRP A 87 21.89 -10.89 45.68
N LEU A 88 21.95 -10.04 46.71
CA LEU A 88 23.05 -9.09 46.83
C LEU A 88 24.38 -9.82 46.99
N SER A 89 24.36 -10.92 47.72
CA SER A 89 25.61 -11.62 48.03
C SER A 89 26.10 -12.44 46.85
N LEU A 90 25.16 -13.05 46.14
CA LEU A 90 25.44 -13.76 44.90
C LEU A 90 26.04 -12.81 43.87
N VAL A 91 25.42 -11.64 43.74
CA VAL A 91 25.90 -10.63 42.80
C VAL A 91 27.33 -10.21 43.13
N LYS A 92 27.55 -9.88 44.40
CA LYS A 92 28.87 -9.46 44.85
C LYS A 92 29.92 -10.55 44.65
N ALA A 93 29.51 -11.80 44.80
CA ALA A 93 30.42 -12.92 44.62
C ALA A 93 30.76 -13.15 43.14
N LYS A 94 29.80 -12.91 42.27
CA LYS A 94 29.95 -13.21 40.85
C LYS A 94 30.74 -12.17 40.10
N PHE A 95 30.51 -10.91 40.44
CA PHE A 95 31.27 -9.86 39.77
C PHE A 95 32.68 -9.76 40.32
N CYS A 96 32.91 -10.40 41.46
CA CYS A 96 34.25 -10.71 41.93
C CYS A 96 34.91 -11.81 41.13
N GLU A 97 34.14 -12.83 40.74
CA GLU A 97 34.72 -14.10 40.35
C GLU A 97 35.29 -13.94 38.94
N ALA A 98 34.53 -13.33 38.04
CA ALA A 98 35.11 -12.57 36.94
C ALA A 98 34.47 -11.19 36.87
N PRO A 99 35.29 -10.12 36.93
CA PRO A 99 34.72 -8.85 36.44
C PRO A 99 34.51 -8.93 34.94
N GLY A 100 33.39 -8.42 34.44
CA GLY A 100 33.13 -8.46 33.01
C GLY A 100 31.80 -9.08 32.66
N SER A 101 31.38 -10.08 33.43
CA SER A 101 30.34 -11.01 32.99
C SER A 101 28.94 -10.52 33.37
N CYS A 102 27.93 -11.21 32.85
CA CYS A 102 26.54 -10.88 33.13
C CYS A 102 25.88 -11.83 34.12
N VAL A 103 24.99 -11.29 34.94
CA VAL A 103 24.02 -12.11 35.67
C VAL A 103 22.63 -11.95 35.09
N ALA A 104 22.07 -13.04 34.59
CA ALA A 104 20.69 -13.06 34.11
C ALA A 104 19.71 -13.21 35.27
N VAL A 105 18.65 -12.40 35.25
CA VAL A 105 17.52 -12.65 36.15
C VAL A 105 16.23 -12.69 35.33
N HIS A 106 15.37 -13.67 35.60
CA HIS A 106 14.05 -13.67 34.97
C HIS A 106 12.95 -14.30 35.83
N ALA A 107 11.79 -13.67 35.85
CA ALA A 107 10.55 -14.35 36.17
C ALA A 107 9.83 -14.74 34.88
N VAL A 108 8.53 -14.45 34.81
CA VAL A 108 7.70 -14.89 33.69
C VAL A 108 8.00 -14.11 32.41
N ALA A 109 7.67 -12.82 32.41
CA ALA A 109 8.06 -11.91 31.35
C ALA A 109 8.83 -10.78 32.01
N GLY A 110 9.92 -10.33 31.40
CA GLY A 110 10.92 -9.63 32.17
C GLY A 110 10.46 -8.21 32.47
N LEU A 111 9.43 -8.11 33.29
CA LEU A 111 8.69 -6.87 33.47
C LEU A 111 7.97 -6.93 34.80
N GLY A 112 8.73 -6.99 35.89
CA GLY A 112 8.21 -7.46 37.16
C GLY A 112 9.26 -7.65 38.24
N ARG A 113 9.25 -8.82 38.88
CA ARG A 113 10.17 -9.14 39.98
C ARG A 113 11.65 -9.02 39.59
N ALA A 114 11.98 -9.43 38.37
CA ALA A 114 13.38 -9.45 37.95
C ALA A 114 13.93 -8.02 37.79
N PRO A 115 13.18 -7.12 37.12
CA PRO A 115 13.58 -5.72 37.20
C PRO A 115 13.70 -5.21 38.62
N VAL A 116 12.84 -5.69 39.52
CA VAL A 116 12.89 -5.26 40.92
C VAL A 116 14.23 -5.62 41.57
N LEU A 117 14.69 -6.85 41.37
CA LEU A 117 15.95 -7.23 42.00
C LEU A 117 17.13 -6.52 41.34
N VAL A 118 17.05 -6.30 40.02
CA VAL A 118 18.06 -5.46 39.38
C VAL A 118 18.07 -4.10 40.05
N ALA A 119 16.88 -3.59 40.34
CA ALA A 119 16.69 -2.26 40.86
C ALA A 119 17.33 -2.08 42.24
N LEU A 120 17.02 -2.96 43.18
CA LEU A 120 17.57 -2.71 44.51
C LEU A 120 19.01 -3.21 44.58
N ALA A 121 19.44 -3.95 43.56
CA ALA A 121 20.88 -4.12 43.36
C ALA A 121 21.51 -2.76 43.04
N LEU A 122 20.81 -1.98 42.21
CA LEU A 122 21.35 -0.69 41.78
C LEU A 122 21.39 0.30 42.93
N ILE A 123 20.29 0.35 43.68
CA ILE A 123 20.25 1.12 44.92
C ILE A 123 21.32 0.69 45.92
N GLU A 124 21.53 -0.63 46.04
CA GLU A 124 22.57 -1.12 46.94
C GLU A 124 23.95 -0.67 46.50
N SER A 125 24.10 -0.43 45.21
CA SER A 125 25.35 0.15 44.71
C SER A 125 25.43 1.66 44.93
N GLY A 126 24.35 2.25 45.43
CA GLY A 126 24.30 3.67 45.70
C GLY A 126 24.06 4.58 44.52
N MET A 127 23.37 4.08 43.51
CA MET A 127 22.62 4.96 42.62
C MET A 127 21.38 5.37 43.38
N LYS A 128 21.01 6.64 43.25
CA LYS A 128 19.84 7.12 43.94
C LYS A 128 18.63 6.43 43.36
N TYR A 129 17.62 6.28 44.20
CA TYR A 129 16.44 5.51 43.85
C TYR A 129 15.72 5.92 42.57
N GLU A 130 15.43 7.21 42.42
CA GLU A 130 14.56 7.67 41.35
C GLU A 130 15.26 7.51 40.02
N ASP A 131 16.58 7.49 40.12
CA ASP A 131 17.42 7.25 38.97
C ASP A 131 17.48 5.77 38.66
N ALA A 132 17.36 4.94 39.70
CA ALA A 132 17.31 3.48 39.54
C ALA A 132 16.09 3.08 38.76
N ILE A 133 14.95 3.51 39.26
CA ILE A 133 13.72 3.22 38.57
C ILE A 133 13.66 3.73 37.19
N GLN A 134 14.09 4.97 37.01
CA GLN A 134 13.72 5.56 35.76
C GLN A 134 14.77 5.08 34.76
N PHE A 135 15.87 4.56 35.27
CA PHE A 135 16.90 3.93 34.43
C PHE A 135 16.38 2.62 33.89
N ILE A 136 15.72 1.85 34.76
CA ILE A 136 15.15 0.59 34.33
C ILE A 136 14.00 0.86 33.36
N ARG A 137 13.19 1.85 33.68
CA ARG A 137 12.00 2.17 32.90
C ARG A 137 12.33 2.79 31.55
N GLN A 138 13.55 3.31 31.41
CA GLN A 138 14.05 3.70 30.10
C GLN A 138 14.13 2.49 29.17
N LYS A 139 14.61 1.37 29.71
CA LYS A 139 14.95 0.21 28.89
C LYS A 139 13.78 -0.75 28.80
N ARG A 140 13.02 -0.90 29.88
CA ARG A 140 11.79 -1.66 29.77
C ARG A 140 10.62 -0.89 30.34
N ARG A 141 9.72 -0.54 29.43
CA ARG A 141 8.59 0.33 29.72
C ARG A 141 7.64 -0.25 30.76
N GLY A 142 7.38 0.52 31.82
CA GLY A 142 6.31 0.17 32.73
C GLY A 142 6.66 -1.06 33.55
N ALA A 143 7.84 -1.07 34.15
CA ALA A 143 8.46 -2.33 34.57
C ALA A 143 7.96 -2.84 35.91
N ILE A 144 8.00 -1.99 36.94
CA ILE A 144 7.57 -2.39 38.27
C ILE A 144 6.08 -2.13 38.47
N ASN A 145 5.40 -3.02 39.19
CA ASN A 145 4.01 -2.74 39.56
C ASN A 145 3.99 -1.88 40.83
N SER A 146 2.81 -1.57 41.34
CA SER A 146 2.71 -0.61 42.44
C SER A 146 3.30 -1.04 43.79
N LYS A 147 2.96 -2.23 44.24
CA LYS A 147 3.40 -2.65 45.56
C LYS A 147 4.92 -2.90 45.60
N GLN A 148 5.53 -3.24 44.47
CA GLN A 148 6.97 -3.49 44.45
C GLN A 148 7.72 -2.17 44.32
N LEU A 149 6.97 -1.09 44.14
CA LEU A 149 7.58 0.22 44.21
C LEU A 149 7.45 0.85 45.59
N THR A 150 6.27 0.60 46.17
CA THR A 150 6.01 0.87 47.56
C THR A 150 7.08 0.15 48.36
N TYR A 151 7.33 -1.10 48.00
CA TYR A 151 8.43 -1.85 48.59
C TYR A 151 9.76 -1.14 48.38
N LEU A 152 9.97 -0.54 47.23
CA LEU A 152 11.36 -0.29 46.87
C LEU A 152 11.93 1.02 47.38
N GLU A 153 11.16 2.01 47.83
CA GLU A 153 11.93 2.99 48.64
C GLU A 153 11.60 3.13 50.12
N LYS A 154 10.94 2.17 50.76
CA LYS A 154 11.03 2.15 52.21
C LYS A 154 12.16 1.14 52.45
N TYR A 155 12.80 0.75 51.34
CA TYR A 155 13.98 -0.09 51.36
C TYR A 155 15.09 0.86 51.71
N ARG A 156 16.05 0.41 52.51
CA ARG A 156 17.21 1.27 52.61
C ARG A 156 18.48 0.49 52.38
N PRO A 157 19.33 1.06 51.54
CA PRO A 157 20.63 0.47 51.22
C PRO A 157 21.54 0.66 52.42
N LYS A 158 22.08 -0.42 52.95
CA LYS A 158 23.28 -0.27 53.75
C LYS A 158 24.39 -0.86 52.88
N GLN A 159 24.75 -0.09 51.85
CA GLN A 159 26.07 -0.10 51.23
C GLN A 159 26.58 -1.38 50.59
N ARG A 160 25.88 -2.51 50.72
CA ARG A 160 26.53 -3.83 50.55
C ARG A 160 27.16 -4.22 49.20
N LEU A 161 27.08 -3.36 48.19
CA LEU A 161 27.77 -3.64 46.93
C LEU A 161 28.68 -2.47 46.59
N ARG A 162 29.97 -2.78 46.42
CA ARG A 162 31.09 -1.83 46.45
C ARG A 162 30.71 -0.35 46.50
N GLY B 1 -10.74 19.19 1.40
CA GLY B 1 -9.30 19.00 1.30
C GLY B 1 -8.49 19.54 2.47
N PRO B 2 -7.73 20.62 2.21
CA PRO B 2 -6.54 21.07 2.94
C PRO B 2 -6.73 21.51 4.40
N LEU B 3 -7.91 21.96 4.78
CA LEU B 3 -8.09 22.43 6.16
C LEU B 3 -8.17 21.22 7.08
N ASN B 4 -8.99 20.25 6.68
CA ASN B 4 -9.06 18.96 7.33
C ASN B 4 -7.67 18.31 7.42
N MET B 5 -6.89 18.44 6.35
CA MET B 5 -5.61 17.77 6.24
C MET B 5 -4.55 18.44 7.12
N ILE B 6 -4.52 19.77 7.09
CA ILE B 6 -3.64 20.54 7.95
C ILE B 6 -3.96 20.18 9.40
N GLN B 7 -5.25 19.99 9.71
CA GLN B 7 -5.64 19.60 11.05
C GLN B 7 -5.20 18.17 11.41
N GLY B 8 -5.18 17.30 10.40
CA GLY B 8 -4.63 15.96 10.54
C GLY B 8 -3.18 16.02 10.96
N VAL B 9 -2.40 16.78 10.18
CA VAL B 9 -0.98 16.96 10.41
C VAL B 9 -0.75 17.57 11.80
N LEU B 10 -1.70 18.36 12.27
CA LEU B 10 -1.51 18.99 13.57
C LEU B 10 -1.79 18.08 14.76
N GLU B 11 -2.80 17.24 14.68
CA GLU B 11 -2.99 16.31 15.80
C GLU B 11 -2.40 14.92 15.56
N LEU B 12 -1.53 14.84 14.55
CA LEU B 12 -0.57 13.73 14.46
C LEU B 12 0.20 13.57 15.79
N ARG B 13 0.40 14.69 16.47
CA ARG B 13 1.15 14.74 17.73
C ARG B 13 0.39 14.39 19.01
N CYS B 14 -0.92 14.19 18.92
CA CYS B 14 -1.71 13.84 20.10
C CYS B 14 -2.51 12.56 19.94
N ARG B 15 -2.87 12.20 18.71
CA ARG B 15 -3.53 10.93 18.50
C ARG B 15 -2.49 9.85 18.74
N THR B 16 -2.86 8.81 19.46
CA THR B 16 -1.95 7.69 19.67
C THR B 16 -2.24 6.55 18.71
N VAL B 17 -1.31 5.61 18.64
CA VAL B 17 -1.50 4.41 17.83
C VAL B 17 -2.78 3.64 18.19
N GLU B 18 -3.20 3.70 19.44
CA GLU B 18 -4.21 2.74 19.88
C GLU B 18 -5.62 2.84 19.26
N ASP B 19 -6.03 3.96 18.68
CA ASP B 19 -7.32 3.93 17.96
C ASP B 19 -7.20 4.05 16.44
N VAL B 20 -5.99 4.11 15.89
CA VAL B 20 -5.92 4.16 14.44
C VAL B 20 -5.41 2.79 14.02
N LEU B 21 -5.13 1.98 15.02
CA LEU B 21 -4.71 0.61 14.80
C LEU B 21 -5.87 -0.25 14.34
N THR B 22 -5.53 -1.36 13.68
CA THR B 22 -6.43 -2.47 13.43
C THR B 22 -6.19 -3.43 14.64
N PRO B 23 -7.20 -3.67 15.52
CA PRO B 23 -7.10 -4.64 16.64
C PRO B 23 -6.86 -6.07 16.14
N LEU B 24 -6.40 -7.01 16.95
CA LEU B 24 -5.66 -8.13 16.33
C LEU B 24 -6.57 -9.19 15.65
N GLU B 25 -7.84 -9.22 16.02
CA GLU B 25 -8.76 -10.23 15.47
C GLU B 25 -9.13 -9.98 14.00
N ASP B 26 -8.96 -8.74 13.54
CA ASP B 26 -9.32 -8.31 12.18
C ASP B 26 -8.14 -8.38 11.19
N CYS B 27 -6.96 -8.65 11.73
CA CYS B 27 -5.75 -8.63 10.93
C CYS B 27 -5.58 -9.89 10.11
N PHE B 28 -5.08 -9.74 8.90
CA PHE B 28 -4.70 -10.89 8.11
C PHE B 28 -3.39 -11.47 8.65
N MET B 29 -3.42 -12.76 8.96
CA MET B 29 -2.32 -13.40 9.67
C MET B 29 -2.21 -14.86 9.30
N LEU B 30 -1.05 -15.44 9.54
CA LEU B 30 -0.83 -16.85 9.19
C LEU B 30 -0.15 -17.62 10.32
N ASP B 31 -0.70 -18.79 10.63
CA ASP B 31 -0.01 -19.77 11.46
C ASP B 31 1.29 -20.18 10.78
N ALA B 32 2.36 -20.31 11.54
CA ALA B 32 3.64 -20.74 11.00
C ALA B 32 3.55 -22.12 10.37
N SER B 33 2.75 -23.00 10.98
CA SER B 33 2.66 -24.38 10.54
C SER B 33 1.75 -24.56 9.33
N THR B 34 1.21 -23.45 8.82
CA THR B 34 0.50 -23.46 7.55
C THR B 34 1.49 -23.75 6.42
N VAL B 35 0.99 -24.13 5.25
CA VAL B 35 1.82 -24.78 4.24
C VAL B 35 1.46 -24.31 2.83
N LEU B 36 2.46 -23.83 2.12
CA LEU B 36 2.28 -23.35 0.75
C LEU B 36 1.91 -24.44 -0.24
N ASP B 37 0.62 -24.74 -0.34
CA ASP B 37 0.07 -25.33 -1.56
C ASP B 37 -0.42 -24.16 -2.42
N PHE B 38 -1.05 -24.45 -3.57
CA PHE B 38 -1.45 -23.37 -4.46
C PHE B 38 -2.62 -22.56 -3.92
N GLY B 39 -3.42 -23.15 -3.04
CA GLY B 39 -4.60 -22.48 -2.53
C GLY B 39 -4.27 -21.42 -1.50
N VAL B 40 -3.30 -21.71 -0.64
CA VAL B 40 -2.84 -20.74 0.35
C VAL B 40 -2.14 -19.58 -0.35
N LEU B 41 -1.28 -19.93 -1.32
CA LEU B 41 -0.69 -18.95 -2.22
C LEU B 41 -1.76 -18.03 -2.80
N ALA B 42 -2.80 -18.62 -3.39
CA ALA B 42 -3.87 -17.86 -4.01
C ALA B 42 -4.56 -16.95 -3.00
N SER B 43 -4.77 -17.47 -1.80
CA SER B 43 -5.46 -16.72 -0.76
C SER B 43 -4.64 -15.55 -0.24
N ILE B 44 -3.31 -15.66 -0.34
CA ILE B 44 -2.43 -14.54 -0.02
C ILE B 44 -2.40 -13.53 -1.18
N MET B 45 -2.39 -14.05 -2.40
CA MET B 45 -2.48 -13.24 -3.62
C MET B 45 -3.66 -12.29 -3.56
N GLN B 46 -4.84 -12.86 -3.27
CA GLN B 46 -6.07 -12.12 -3.40
C GLN B 46 -6.44 -11.50 -2.05
N SER B 47 -5.66 -11.84 -1.03
CA SER B 47 -5.65 -11.08 0.22
C SER B 47 -5.34 -9.62 -0.05
N GLY B 48 -4.48 -9.38 -1.03
CA GLY B 48 -4.05 -8.04 -1.38
C GLY B 48 -3.17 -7.36 -0.35
N HIS B 49 -2.79 -8.09 0.69
CA HIS B 49 -1.67 -7.69 1.55
C HIS B 49 -0.34 -8.09 0.94
N THR B 50 0.67 -7.24 1.13
CA THR B 50 2.03 -7.55 0.70
C THR B 50 2.92 -7.93 1.87
N ARG B 51 2.43 -7.69 3.08
CA ARG B 51 3.14 -8.04 4.31
C ARG B 51 2.20 -8.65 5.35
N ILE B 52 2.48 -9.90 5.73
CA ILE B 52 1.58 -10.66 6.61
C ILE B 52 2.27 -11.15 7.87
N PRO B 53 1.74 -10.80 9.04
CA PRO B 53 2.27 -11.37 10.28
C PRO B 53 2.12 -12.88 10.35
N VAL B 54 3.22 -13.54 10.70
CA VAL B 54 3.24 -14.97 10.92
C VAL B 54 3.42 -15.24 12.39
N TYR B 55 2.40 -15.87 12.96
CA TYR B 55 2.37 -16.23 14.36
C TYR B 55 2.54 -17.73 14.52
N GLU B 56 3.05 -18.11 15.68
CA GLU B 56 3.00 -19.48 16.12
C GLU B 56 1.90 -19.60 17.17
N GLU B 57 1.19 -20.74 17.20
CA GLU B 57 0.41 -21.16 18.39
C GLU B 57 -0.90 -20.41 18.55
N GLU B 58 -0.77 -19.28 19.22
CA GLU B 58 -1.78 -18.24 19.42
C GLU B 58 -1.48 -17.03 18.54
N ARG B 59 -2.51 -16.28 18.23
CA ARG B 59 -2.38 -15.17 17.30
C ARG B 59 -1.57 -14.02 17.90
N SER B 60 -1.63 -13.86 19.22
CA SER B 60 -0.92 -12.76 19.89
C SER B 60 0.57 -13.06 20.05
N ASN B 61 1.08 -13.97 19.23
CA ASN B 61 2.45 -14.43 19.33
C ASN B 61 3.12 -14.37 17.96
N ILE B 62 3.50 -13.16 17.54
CA ILE B 62 4.00 -12.96 16.19
C ILE B 62 5.49 -13.25 16.12
N VAL B 63 5.87 -14.13 15.21
CA VAL B 63 7.24 -14.58 15.12
C VAL B 63 7.95 -13.96 13.94
N ASP B 64 7.25 -13.85 12.81
CA ASP B 64 7.89 -13.28 11.61
C ASP B 64 6.93 -12.43 10.78
N MET B 65 7.47 -11.78 9.75
CA MET B 65 6.64 -11.19 8.70
C MET B 65 6.93 -11.86 7.36
N LEU B 66 5.90 -12.44 6.76
CA LEU B 66 5.98 -12.92 5.38
C LEU B 66 5.77 -11.75 4.40
N TYR B 67 6.74 -11.52 3.53
CA TYR B 67 6.55 -10.56 2.44
C TYR B 67 6.00 -11.25 1.20
N LEU B 68 5.17 -10.53 0.44
CA LEU B 68 4.63 -11.04 -0.80
C LEU B 68 5.76 -11.31 -1.80
N LYS B 69 6.69 -10.36 -1.91
CA LYS B 69 7.79 -10.47 -2.86
C LYS B 69 8.70 -11.66 -2.53
N ASP B 70 8.67 -12.11 -1.28
CA ASP B 70 9.45 -13.26 -0.86
C ASP B 70 9.02 -14.57 -1.53
N LEU B 71 7.71 -14.75 -1.72
CA LEU B 71 7.20 -16.04 -2.19
C LEU B 71 7.21 -16.10 -3.72
N ALA B 72 8.09 -15.30 -4.32
CA ALA B 72 8.23 -15.24 -5.77
C ALA B 72 8.88 -16.51 -6.30
N PHE B 73 9.66 -17.19 -5.45
CA PHE B 73 10.54 -18.24 -5.94
C PHE B 73 10.45 -19.51 -5.13
N VAL B 74 9.51 -19.55 -4.19
CA VAL B 74 9.07 -20.83 -3.67
C VAL B 74 8.15 -21.44 -4.71
N ASP B 75 8.24 -22.75 -4.91
CA ASP B 75 7.29 -23.41 -5.77
C ASP B 75 6.33 -24.07 -4.79
N PRO B 76 5.03 -23.79 -4.93
CA PRO B 76 4.05 -24.20 -3.93
C PRO B 76 3.44 -25.62 -4.00
N GLU B 77 3.89 -26.55 -4.83
CA GLU B 77 3.43 -27.92 -4.63
C GLU B 77 4.55 -28.69 -3.94
N ASP B 78 5.77 -28.18 -4.12
CA ASP B 78 6.85 -28.29 -3.16
C ASP B 78 6.33 -27.63 -1.89
N CYS B 79 5.62 -28.37 -1.06
CA CYS B 79 4.74 -27.71 -0.11
C CYS B 79 5.40 -27.68 1.26
N THR B 80 5.91 -26.48 1.55
CA THR B 80 6.82 -26.22 2.65
C THR B 80 6.17 -25.26 3.62
N PRO B 81 6.27 -25.55 4.93
CA PRO B 81 5.67 -24.72 5.98
C PRO B 81 6.24 -23.32 6.02
N LEU B 82 5.43 -22.36 6.47
CA LEU B 82 5.78 -20.95 6.43
C LEU B 82 6.90 -20.59 7.41
N SER B 83 6.99 -21.32 8.51
CA SER B 83 8.13 -21.22 9.42
C SER B 83 9.47 -21.16 8.70
N THR B 84 9.68 -22.12 7.80
CA THR B 84 10.97 -22.29 7.16
C THR B 84 11.19 -21.21 6.12
N ILE B 85 10.16 -20.93 5.32
CA ILE B 85 10.20 -19.83 4.36
C ILE B 85 10.58 -18.54 5.08
N THR B 86 10.06 -18.37 6.28
CA THR B 86 10.32 -17.20 7.10
C THR B 86 11.68 -17.28 7.77
N ARG B 87 12.34 -18.44 7.68
CA ARG B 87 13.74 -18.47 8.11
C ARG B 87 14.68 -18.48 6.92
N PHE B 88 14.14 -18.44 5.71
CA PHE B 88 14.94 -18.13 4.54
C PHE B 88 15.42 -16.69 4.66
N TYR B 89 14.49 -15.83 5.06
CA TYR B 89 14.71 -14.40 5.21
C TYR B 89 14.19 -13.98 6.58
N ASN B 90 15.02 -13.66 7.57
CA ASN B 90 14.39 -13.00 8.70
C ASN B 90 14.16 -11.55 8.33
N HIS B 91 12.89 -11.16 8.31
CA HIS B 91 12.51 -9.77 8.14
C HIS B 91 12.30 -9.24 9.55
N PRO B 92 12.85 -8.07 9.86
CA PRO B 92 12.73 -7.56 11.22
C PRO B 92 11.30 -7.19 11.61
N LEU B 93 10.94 -7.56 12.83
CA LEU B 93 9.68 -7.16 13.45
C LEU B 93 9.77 -5.76 14.05
N HIS B 94 8.78 -4.92 13.74
CA HIS B 94 8.71 -3.58 14.30
C HIS B 94 7.71 -3.55 15.46
N PHE B 95 8.21 -3.30 16.66
CA PHE B 95 7.36 -3.25 17.85
C PHE B 95 7.20 -1.83 18.36
N VAL B 96 5.95 -1.46 18.67
CA VAL B 96 5.64 -0.12 19.14
C VAL B 96 4.55 -0.13 20.21
N PHE B 97 4.54 0.93 21.01
CA PHE B 97 3.61 1.03 22.13
C PHE B 97 2.42 1.88 21.68
N ASN B 98 1.30 1.68 22.39
CA ASN B 98 -0.03 2.28 22.20
C ASN B 98 -0.04 3.78 22.38
N ASP B 99 0.78 4.29 23.31
CA ASP B 99 0.64 5.67 23.74
C ASP B 99 1.69 6.48 22.99
N THR B 100 2.27 5.83 21.99
CA THR B 100 3.18 6.49 21.07
C THR B 100 2.38 7.42 20.17
N LYS B 101 2.82 8.67 20.06
CA LYS B 101 2.17 9.64 19.19
C LYS B 101 2.41 9.33 17.72
N LEU B 102 1.43 9.66 16.89
CA LEU B 102 1.38 9.22 15.51
C LEU B 102 2.52 9.77 14.66
N ASP B 103 2.96 10.99 14.95
CA ASP B 103 4.05 11.58 14.18
C ASP B 103 5.39 10.89 14.48
N ALA B 104 5.49 10.34 15.68
CA ALA B 104 6.68 9.59 16.09
C ALA B 104 6.73 8.27 15.35
N VAL B 105 5.57 7.62 15.23
CA VAL B 105 5.46 6.39 14.46
C VAL B 105 5.71 6.68 12.99
N LEU B 106 5.28 7.86 12.56
CA LEU B 106 5.57 8.34 11.22
C LEU B 106 7.07 8.43 10.99
N GLU B 107 7.79 9.00 11.94
CA GLU B 107 9.24 9.08 11.86
C GLU B 107 9.90 7.71 11.91
N GLU B 108 9.34 6.81 12.70
CA GLU B 108 9.86 5.45 12.81
C GLU B 108 9.72 4.73 11.47
N PHE B 109 8.59 4.93 10.82
CA PHE B 109 8.37 4.41 9.48
C PHE B 109 9.26 5.11 8.46
N LYS B 110 9.54 6.39 8.65
CA LYS B 110 10.12 7.21 7.58
C LYS B 110 11.59 7.04 7.25
N ARG B 111 12.27 6.09 7.88
CA ARG B 111 13.44 5.47 7.26
C ARG B 111 13.80 4.10 7.76
N GLY B 112 13.22 3.14 7.05
CA GLY B 112 13.65 1.75 7.00
C GLY B 112 12.77 0.70 7.63
N LYS B 113 12.37 0.95 8.88
CA LYS B 113 11.34 0.19 9.57
C LYS B 113 10.21 -0.25 8.64
N SER B 114 9.78 -1.49 8.86
CA SER B 114 8.61 -2.04 8.19
C SER B 114 7.43 -1.11 8.32
N HIS B 115 6.70 -0.95 7.21
CA HIS B 115 5.48 -0.14 7.21
C HIS B 115 4.41 -0.79 8.08
N LEU B 116 4.67 -2.01 8.53
CA LEU B 116 3.85 -2.66 9.54
C LEU B 116 4.51 -2.65 10.90
N ALA B 117 3.89 -1.94 11.85
CA ALA B 117 4.29 -2.04 13.25
C ALA B 117 3.27 -2.84 14.06
N ILE B 118 3.75 -3.54 15.08
CA ILE B 118 2.86 -4.29 15.97
C ILE B 118 2.74 -3.59 17.32
N VAL B 119 1.53 -3.57 17.88
CA VAL B 119 1.25 -2.74 19.06
C VAL B 119 1.15 -3.56 20.36
N GLN B 120 1.94 -3.18 21.36
CA GLN B 120 1.92 -3.79 22.71
C GLN B 120 1.58 -2.78 23.84
N LYS B 121 0.81 -3.16 24.85
CA LYS B 121 0.78 -2.35 26.08
C LYS B 121 1.22 -3.12 27.34
N VAL B 122 1.75 -2.38 28.31
CA VAL B 122 2.01 -2.85 29.64
C VAL B 122 0.64 -2.92 30.31
N ASN B 123 0.44 -3.83 31.25
CA ASN B 123 -0.86 -3.94 31.88
C ASN B 123 -0.55 -4.18 33.36
N ASN B 124 -1.39 -3.65 34.24
CA ASN B 124 -1.04 -3.55 35.64
C ASN B 124 -2.23 -3.94 36.52
N GLU B 125 -3.33 -4.30 35.86
CA GLU B 125 -4.44 -4.97 36.54
C GLU B 125 -4.31 -6.48 36.39
N GLY B 126 -4.18 -7.19 37.52
CA GLY B 126 -4.24 -6.56 38.82
C GLY B 126 -2.92 -6.45 39.58
N GLU B 127 -2.35 -7.59 39.96
CA GLU B 127 -1.28 -7.57 40.94
C GLU B 127 0.04 -8.14 40.42
N GLY B 128 -0.04 -9.21 39.63
CA GLY B 128 1.15 -9.95 39.19
C GLY B 128 2.19 -9.11 38.49
N ASP B 129 3.29 -9.75 38.09
CA ASP B 129 4.19 -9.13 37.13
C ASP B 129 3.39 -8.46 36.02
N PRO B 130 3.72 -7.18 35.76
CA PRO B 130 3.16 -6.57 34.55
C PRO B 130 3.58 -7.37 33.32
N PHE B 131 2.71 -7.46 32.34
CA PHE B 131 3.05 -8.11 31.08
C PHE B 131 2.68 -7.25 29.89
N TYR B 132 3.45 -7.38 28.81
CA TYR B 132 3.10 -6.80 27.53
C TYR B 132 1.85 -7.45 26.95
N GLU B 133 1.09 -6.68 26.18
CA GLU B 133 -0.22 -7.11 25.74
C GLU B 133 -0.49 -6.61 24.34
N VAL B 134 -0.47 -7.54 23.38
CA VAL B 134 -0.64 -7.22 21.97
C VAL B 134 -2.06 -6.79 21.69
N LEU B 135 -2.21 -5.65 21.00
CA LEU B 135 -3.54 -5.13 20.69
C LEU B 135 -3.87 -5.33 19.21
N GLY B 136 -2.93 -4.98 18.35
CA GLY B 136 -3.02 -5.34 16.95
C GLY B 136 -1.89 -4.79 16.10
N LEU B 137 -2.22 -4.34 14.90
CA LEU B 137 -1.23 -3.81 13.98
C LEU B 137 -1.56 -2.39 13.57
N VAL B 138 -0.53 -1.57 13.40
CA VAL B 138 -0.71 -0.29 12.72
C VAL B 138 0.13 -0.26 11.45
N THR B 139 -0.45 0.31 10.40
CA THR B 139 0.25 0.46 9.14
C THR B 139 0.53 1.95 8.90
N LEU B 140 1.50 2.22 8.03
CA LEU B 140 1.77 3.58 7.58
C LEU B 140 0.53 4.22 6.95
N GLU B 141 -0.29 3.41 6.29
CA GLU B 141 -1.51 3.90 5.67
C GLU B 141 -2.60 4.25 6.68
N ASP B 142 -2.57 3.64 7.85
CA ASP B 142 -3.48 4.05 8.94
C ASP B 142 -3.21 5.50 9.33
N VAL B 143 -1.94 5.90 9.27
CA VAL B 143 -1.54 7.27 9.57
C VAL B 143 -1.80 8.22 8.39
N ILE B 144 -1.46 7.75 7.19
CA ILE B 144 -1.72 8.52 5.97
C ILE B 144 -3.18 8.87 5.90
N GLU B 145 -4.01 7.89 6.23
CA GLU B 145 -5.44 8.05 6.27
C GLU B 145 -5.86 9.09 7.30
N GLU B 146 -5.07 9.21 8.36
CA GLU B 146 -5.31 10.20 9.39
C GLU B 146 -4.99 11.61 8.92
N ILE B 147 -4.06 11.74 7.96
CA ILE B 147 -3.87 13.06 7.33
C ILE B 147 -4.87 13.36 6.21
N ILE B 148 -4.97 12.45 5.23
CA ILE B 148 -5.71 12.75 4.01
C ILE B 148 -7.20 12.56 4.25
N ARG B 149 -7.58 12.32 5.51
CA ARG B 149 -8.95 12.59 5.94
C ARG B 149 -8.90 13.43 7.21
N ASN C 8 -1.49 7.35 -28.16
CA ASN C 8 -2.22 8.43 -27.50
C ASN C 8 -3.73 8.27 -27.63
N ARG C 9 -4.12 7.25 -28.40
CA ARG C 9 -5.48 7.06 -28.90
C ARG C 9 -6.55 6.75 -27.85
N PRO C 10 -7.44 7.72 -27.59
CA PRO C 10 -8.43 7.65 -26.50
C PRO C 10 -9.61 6.72 -26.80
N ALA C 11 -10.27 6.26 -25.74
CA ALA C 11 -11.44 5.40 -25.86
C ALA C 11 -12.63 6.08 -26.54
N PRO C 12 -13.39 5.32 -27.35
CA PRO C 12 -14.67 5.73 -27.94
C PRO C 12 -15.56 6.50 -26.96
N VAL C 13 -16.08 7.64 -27.39
CA VAL C 13 -17.02 8.39 -26.56
C VAL C 13 -18.37 8.57 -27.24
N GLU C 14 -19.42 8.14 -26.56
CA GLU C 14 -20.78 8.33 -27.02
C GLU C 14 -21.31 9.74 -26.73
N VAL C 15 -21.95 10.32 -27.73
CA VAL C 15 -22.74 11.53 -27.55
C VAL C 15 -24.19 11.23 -27.91
N SER C 16 -25.02 11.11 -26.87
CA SER C 16 -26.45 11.11 -27.07
C SER C 16 -27.06 12.51 -26.91
N TYR C 17 -27.96 12.87 -27.82
CA TYR C 17 -28.86 14.04 -27.71
C TYR C 17 -29.92 13.72 -28.74
N LYS C 18 -31.19 14.14 -28.63
CA LYS C 18 -32.24 14.01 -29.70
C LYS C 18 -33.03 12.68 -29.61
N HIS C 19 -32.40 11.62 -29.09
CA HIS C 19 -32.45 10.24 -29.58
C HIS C 19 -31.63 10.16 -30.87
N MET C 20 -30.43 10.71 -30.81
CA MET C 20 -29.34 10.43 -31.73
C MET C 20 -28.12 10.17 -30.96
N ARG C 21 -27.35 9.27 -31.53
CA ARG C 21 -26.28 8.67 -30.81
C ARG C 21 -25.08 8.58 -31.75
N PHE C 22 -24.03 9.31 -31.41
CA PHE C 22 -22.82 9.29 -32.22
C PHE C 22 -21.73 8.69 -31.37
N LEU C 23 -20.85 7.91 -32.00
CA LEU C 23 -19.68 7.48 -31.27
C LEU C 23 -18.44 8.08 -31.92
N ILE C 24 -17.72 8.91 -31.17
CA ILE C 24 -16.46 9.45 -31.67
C ILE C 24 -15.36 8.49 -31.29
N THR C 25 -14.57 8.08 -32.29
CA THR C 25 -13.51 7.10 -32.06
C THR C 25 -12.17 7.56 -32.63
N HIS C 26 -11.12 6.85 -32.26
CA HIS C 26 -9.81 6.93 -32.90
C HIS C 26 -9.77 6.12 -34.19
N ASN C 27 -8.85 6.45 -35.08
CA ASN C 27 -8.44 5.53 -36.14
C ASN C 27 -7.70 4.31 -35.60
N PRO C 28 -8.26 3.11 -35.83
CA PRO C 28 -7.58 1.87 -35.42
C PRO C 28 -6.38 1.52 -36.30
N THR C 29 -5.63 0.50 -35.88
CA THR C 29 -4.75 -0.23 -36.78
C THR C 29 -5.43 -1.52 -37.18
N ASN C 30 -4.78 -2.29 -38.05
CA ASN C 30 -5.29 -3.60 -38.42
C ASN C 30 -5.05 -4.63 -37.33
N ALA C 31 -4.08 -4.33 -36.47
CA ALA C 31 -3.77 -5.17 -35.33
C ALA C 31 -4.81 -4.99 -34.22
N THR C 32 -5.18 -3.74 -33.95
CA THR C 32 -6.15 -3.42 -32.91
C THR C 32 -7.57 -3.41 -33.45
N LEU C 33 -7.77 -4.08 -34.58
CA LEU C 33 -9.00 -3.94 -35.35
C LEU C 33 -10.13 -4.74 -34.71
N SER C 34 -9.81 -5.93 -34.22
CA SER C 34 -10.78 -6.79 -33.54
C SER C 34 -11.52 -6.06 -32.43
N THR C 35 -10.76 -5.40 -31.57
CA THR C 35 -11.37 -4.68 -30.46
C THR C 35 -12.11 -3.44 -30.96
N PHE C 36 -11.64 -2.88 -32.06
CA PHE C 36 -12.28 -1.70 -32.65
C PHE C 36 -13.67 -2.03 -33.17
N ILE C 37 -13.79 -3.19 -33.81
CA ILE C 37 -15.09 -3.71 -34.20
C ILE C 37 -15.93 -4.00 -32.96
N GLU C 38 -15.27 -4.52 -31.92
CA GLU C 38 -16.04 -4.98 -30.78
C GLU C 38 -16.67 -3.81 -29.98
N ASP C 39 -16.04 -2.63 -29.93
CA ASP C 39 -16.74 -1.53 -29.26
C ASP C 39 -17.80 -0.91 -30.17
N LEU C 40 -17.69 -1.18 -31.46
CA LEU C 40 -18.70 -0.75 -32.41
C LEU C 40 -19.96 -1.56 -32.21
N LYS C 41 -19.81 -2.85 -31.92
CA LYS C 41 -20.99 -3.67 -31.70
C LYS C 41 -21.51 -3.57 -30.27
N LYS C 42 -20.64 -3.26 -29.30
CA LYS C 42 -21.14 -2.83 -28.00
C LYS C 42 -22.01 -1.57 -28.07
N TYR C 43 -21.57 -0.56 -28.81
CA TYR C 43 -22.34 0.69 -28.86
C TYR C 43 -23.50 0.65 -29.85
N GLY C 44 -23.56 -0.41 -30.65
CA GLY C 44 -24.64 -0.57 -31.61
C GLY C 44 -24.48 0.33 -32.82
N ALA C 45 -23.22 0.61 -33.17
CA ALA C 45 -22.90 1.28 -34.42
C ALA C 45 -22.97 0.31 -35.60
N THR C 46 -23.77 0.64 -36.60
CA THR C 46 -23.81 -0.14 -37.84
C THR C 46 -23.19 0.64 -38.99
N THR C 47 -22.77 1.87 -38.69
CA THR C 47 -22.18 2.74 -39.71
C THR C 47 -21.01 3.54 -39.16
N VAL C 48 -19.84 3.35 -39.78
CA VAL C 48 -18.68 4.17 -39.47
C VAL C 48 -18.50 5.20 -40.57
N VAL C 49 -18.27 6.46 -40.19
CA VAL C 49 -17.85 7.47 -41.14
C VAL C 49 -16.38 7.81 -40.89
N ARG C 50 -15.51 7.32 -41.75
CA ARG C 50 -14.10 7.71 -41.70
C ARG C 50 -13.88 8.98 -42.49
N VAL C 51 -13.09 9.89 -41.92
CA VAL C 51 -12.83 11.18 -42.55
C VAL C 51 -11.34 11.47 -42.62
N CYS C 52 -10.53 10.52 -42.17
CA CYS C 52 -9.09 10.60 -42.34
C CYS C 52 -8.61 9.72 -43.48
N GLU C 53 -7.29 9.69 -43.66
CA GLU C 53 -6.61 8.74 -44.53
C GLU C 53 -7.05 7.30 -44.30
N VAL C 54 -7.11 6.52 -45.38
CA VAL C 54 -7.40 5.10 -45.29
C VAL C 54 -6.20 4.32 -44.75
N THR C 55 -6.33 3.71 -43.58
CA THR C 55 -5.24 2.92 -43.01
C THR C 55 -5.59 1.44 -42.88
N TYR C 56 -6.85 1.15 -42.55
CA TYR C 56 -7.25 -0.22 -42.27
C TYR C 56 -8.28 -0.72 -43.29
N ASP C 57 -8.30 -2.04 -43.50
CA ASP C 57 -9.17 -2.68 -44.48
C ASP C 57 -10.62 -2.71 -43.97
N LYS C 58 -11.55 -2.25 -44.80
CA LYS C 58 -12.96 -2.14 -44.45
C LYS C 58 -13.79 -3.43 -44.60
N THR C 59 -13.28 -4.44 -45.30
CA THR C 59 -14.10 -5.61 -45.63
C THR C 59 -14.41 -6.56 -44.46
N PRO C 60 -13.51 -6.67 -43.46
CA PRO C 60 -13.97 -7.38 -42.27
C PRO C 60 -15.15 -6.68 -41.60
N LEU C 61 -15.19 -5.36 -41.58
CA LEU C 61 -16.26 -4.64 -40.88
C LEU C 61 -17.65 -4.74 -41.51
N GLU C 62 -17.73 -4.76 -42.84
CA GLU C 62 -19.04 -4.94 -43.47
C GLU C 62 -19.32 -6.43 -43.67
N LYS C 63 -18.29 -7.25 -43.50
CA LYS C 63 -18.52 -8.68 -43.31
C LYS C 63 -19.38 -8.90 -42.06
N ASP C 64 -19.05 -8.17 -41.00
CA ASP C 64 -19.80 -8.21 -39.75
C ASP C 64 -21.00 -7.28 -39.77
N GLY C 65 -21.29 -6.68 -40.92
CA GLY C 65 -22.51 -5.92 -41.10
C GLY C 65 -22.42 -4.46 -40.72
N ILE C 66 -21.23 -3.88 -40.80
CA ILE C 66 -21.06 -2.44 -40.57
C ILE C 66 -20.59 -1.75 -41.85
N THR C 67 -21.37 -0.79 -42.33
CA THR C 67 -20.99 -0.03 -43.51
C THR C 67 -19.98 1.06 -43.15
N VAL C 68 -18.89 1.09 -43.90
CA VAL C 68 -17.86 2.11 -43.70
C VAL C 68 -17.88 3.10 -44.85
N VAL C 69 -18.02 4.38 -44.50
CA VAL C 69 -18.19 5.45 -45.46
C VAL C 69 -16.98 6.38 -45.45
N ASP C 70 -16.33 6.53 -46.60
CA ASP C 70 -15.10 7.31 -46.71
C ASP C 70 -15.34 8.70 -47.28
N TRP C 71 -15.38 9.69 -46.39
CA TRP C 71 -15.56 11.09 -46.76
C TRP C 71 -14.40 11.93 -46.24
N PRO C 72 -13.22 11.80 -46.84
CA PRO C 72 -12.01 12.40 -46.26
C PRO C 72 -11.93 13.91 -46.50
N PHE C 73 -11.55 14.63 -45.46
CA PHE C 73 -11.14 16.02 -45.62
C PHE C 73 -10.01 16.26 -44.63
N ASP C 74 -9.20 17.27 -44.91
CA ASP C 74 -7.82 17.26 -44.45
C ASP C 74 -7.62 17.77 -43.02
N ASP C 75 -6.42 17.50 -42.49
CA ASP C 75 -6.10 17.64 -41.07
C ASP C 75 -6.44 19.01 -40.49
N GLY C 76 -7.44 19.02 -39.61
CA GLY C 76 -7.87 20.21 -38.90
C GLY C 76 -8.51 21.30 -39.75
N ALA C 77 -8.84 20.96 -40.99
CA ALA C 77 -9.76 21.77 -41.79
C ALA C 77 -11.21 21.58 -41.35
N PRO C 78 -12.05 22.61 -41.53
CA PRO C 78 -13.50 22.43 -41.51
C PRO C 78 -13.97 21.50 -42.62
N PRO C 79 -15.12 20.83 -42.43
CA PRO C 79 -15.79 20.12 -43.51
C PRO C 79 -16.15 21.01 -44.70
N PRO C 80 -15.70 20.65 -45.92
CA PRO C 80 -16.22 21.23 -47.16
C PRO C 80 -17.73 20.99 -47.28
N GLY C 81 -18.43 21.79 -48.09
CA GLY C 81 -19.89 21.84 -48.01
C GLY C 81 -20.56 20.55 -48.47
N LYS C 82 -19.92 19.89 -49.43
CA LYS C 82 -20.36 18.59 -49.89
C LYS C 82 -20.38 17.63 -48.71
N VAL C 83 -19.33 17.68 -47.92
CA VAL C 83 -19.15 16.76 -46.81
C VAL C 83 -20.18 16.97 -45.71
N VAL C 84 -20.41 18.22 -45.31
CA VAL C 84 -21.44 18.50 -44.30
C VAL C 84 -22.83 18.10 -44.78
N GLU C 85 -23.21 18.45 -46.00
CA GLU C 85 -24.55 18.04 -46.48
C GLU C 85 -24.72 16.51 -46.52
N ASP C 86 -23.72 15.82 -47.06
CA ASP C 86 -23.76 14.35 -47.08
C ASP C 86 -23.87 13.80 -45.67
N TRP C 87 -23.13 14.41 -44.75
CA TRP C 87 -23.12 14.02 -43.34
C TRP C 87 -24.51 14.11 -42.73
N LEU C 88 -25.14 15.26 -42.87
CA LEU C 88 -26.45 15.47 -42.27
C LEU C 88 -27.45 14.51 -42.86
N SER C 89 -27.36 14.26 -44.16
CA SER C 89 -28.40 13.47 -44.81
C SER C 89 -28.25 11.98 -44.49
N LEU C 90 -27.01 11.52 -44.44
CA LEU C 90 -26.72 10.16 -43.98
C LEU C 90 -27.23 9.96 -42.56
N VAL C 91 -26.96 10.94 -41.70
CA VAL C 91 -27.39 10.86 -40.32
C VAL C 91 -28.91 10.70 -40.19
N LYS C 92 -29.68 11.59 -40.83
CA LYS C 92 -31.13 11.45 -40.71
C LYS C 92 -31.65 10.17 -41.35
N ALA C 93 -30.99 9.71 -42.41
CA ALA C 93 -31.47 8.50 -43.09
C ALA C 93 -31.26 7.28 -42.21
N LYS C 94 -30.14 7.27 -41.47
CA LYS C 94 -29.79 6.10 -40.68
C LYS C 94 -30.58 6.07 -39.39
N PHE C 95 -30.82 7.25 -38.81
CA PHE C 95 -31.65 7.33 -37.61
C PHE C 95 -33.14 7.24 -37.95
N CYS C 96 -33.48 7.41 -39.22
CA CYS C 96 -34.80 6.99 -39.70
C CYS C 96 -34.91 5.48 -39.84
N GLU C 97 -33.84 4.84 -40.28
CA GLU C 97 -33.96 3.46 -40.78
C GLU C 97 -34.13 2.49 -39.62
N ALA C 98 -33.31 2.64 -38.58
CA ALA C 98 -33.69 2.23 -37.25
C ALA C 98 -33.51 3.39 -36.26
N PRO C 99 -34.58 3.74 -35.54
CA PRO C 99 -34.37 4.54 -34.33
C PRO C 99 -33.67 3.69 -33.28
N GLY C 100 -32.69 4.25 -32.58
CA GLY C 100 -32.00 3.49 -31.55
C GLY C 100 -30.50 3.44 -31.70
N SER C 101 -30.03 3.42 -32.95
CA SER C 101 -28.67 2.98 -33.23
C SER C 101 -27.64 4.11 -33.20
N CYS C 102 -26.37 3.72 -33.27
CA CYS C 102 -25.25 4.67 -33.27
C CYS C 102 -24.64 4.87 -34.65
N VAL C 103 -24.20 6.09 -34.92
CA VAL C 103 -23.28 6.34 -36.03
C VAL C 103 -21.88 6.64 -35.51
N ALA C 104 -20.93 5.80 -35.90
CA ALA C 104 -19.52 6.05 -35.57
C ALA C 104 -18.89 7.07 -36.51
N VAL C 105 -18.16 8.02 -35.94
CA VAL C 105 -17.30 8.90 -36.71
C VAL C 105 -15.88 8.87 -36.17
N HIS C 106 -14.89 8.78 -37.03
CA HIS C 106 -13.52 8.96 -36.57
C HIS C 106 -12.61 9.57 -37.64
N ALA C 107 -11.78 10.51 -37.20
CA ALA C 107 -10.55 10.86 -37.90
C ALA C 107 -9.36 10.14 -37.25
N VAL C 108 -8.31 10.91 -36.98
CA VAL C 108 -7.03 10.35 -36.51
C VAL C 108 -7.10 9.88 -35.05
N ALA C 109 -7.21 10.83 -34.14
CA ALA C 109 -7.51 10.54 -32.75
C ALA C 109 -8.74 11.38 -32.48
N GLY C 110 -9.71 10.84 -31.76
CA GLY C 110 -11.05 11.37 -31.88
C GLY C 110 -11.15 12.68 -31.15
N LEU C 111 -10.49 13.70 -31.70
CA LEU C 111 -10.27 14.96 -31.01
C LEU C 111 -10.04 16.06 -32.04
N GLY C 112 -11.06 16.33 -32.87
CA GLY C 112 -10.84 17.00 -34.13
C GLY C 112 -12.05 17.05 -35.05
N ARG C 113 -11.84 16.65 -36.30
CA ARG C 113 -12.87 16.69 -37.35
C ARG C 113 -14.15 15.91 -37.03
N ALA C 114 -14.01 14.75 -36.41
CA ALA C 114 -15.18 13.92 -36.13
C ALA C 114 -16.07 14.55 -35.04
N PRO C 115 -15.45 15.03 -33.92
CA PRO C 115 -16.26 15.86 -33.02
C PRO C 115 -16.92 17.04 -33.71
N VAL C 116 -16.25 17.62 -34.71
CA VAL C 116 -16.82 18.74 -35.46
C VAL C 116 -18.11 18.32 -36.16
N LEU C 117 -18.10 17.15 -36.81
CA LEU C 117 -19.29 16.72 -37.51
C LEU C 117 -20.42 16.36 -36.54
N VAL C 118 -20.06 15.77 -35.40
CA VAL C 118 -21.04 15.57 -34.34
C VAL C 118 -21.64 16.90 -33.91
N ALA C 119 -20.79 17.90 -33.81
CA ALA C 119 -21.17 19.21 -33.29
C ALA C 119 -22.20 19.90 -34.17
N LEU C 120 -21.91 20.01 -35.46
CA LEU C 120 -22.84 20.77 -36.29
C LEU C 120 -24.02 19.88 -36.65
N ALA C 121 -23.91 18.58 -36.40
CA ALA C 121 -25.11 17.74 -36.35
C ALA C 121 -26.02 18.20 -35.21
N LEU C 122 -25.43 18.49 -34.05
CA LEU C 122 -26.22 18.87 -32.88
C LEU C 122 -26.87 20.22 -33.07
N ILE C 123 -26.11 21.17 -33.59
CA ILE C 123 -26.65 22.46 -34.00
C ILE C 123 -27.77 22.33 -35.02
N GLU C 124 -27.60 21.44 -35.98
CA GLU C 124 -28.66 21.20 -36.96
C GLU C 124 -29.89 20.64 -36.28
N SER C 125 -29.70 19.99 -35.13
CA SER C 125 -30.84 19.53 -34.34
C SER C 125 -31.49 20.66 -33.53
N GLY C 126 -30.89 21.84 -33.55
CA GLY C 126 -31.39 23.00 -32.82
C GLY C 126 -31.06 23.00 -31.34
N MET C 127 -29.95 22.38 -30.99
CA MET C 127 -29.23 22.74 -29.78
C MET C 127 -28.48 24.03 -30.07
N LYS C 128 -28.46 24.94 -29.10
CA LYS C 128 -27.75 26.19 -29.30
C LYS C 128 -26.27 25.89 -29.44
N TYR C 129 -25.59 26.79 -30.14
CA TYR C 129 -24.23 26.57 -30.59
C TYR C 129 -23.23 26.20 -29.50
N GLU C 130 -23.14 27.07 -28.51
CA GLU C 130 -22.12 26.86 -27.52
C GLU C 130 -22.63 25.81 -26.56
N ASP C 131 -23.92 25.44 -26.67
CA ASP C 131 -24.34 24.24 -25.97
C ASP C 131 -23.92 22.98 -26.78
N ALA C 132 -23.68 23.14 -28.07
CA ALA C 132 -23.02 22.06 -28.78
C ALA C 132 -21.60 21.91 -28.20
N ILE C 133 -20.83 22.99 -28.21
CA ILE C 133 -19.44 22.89 -27.74
C ILE C 133 -19.25 22.52 -26.25
N GLN C 134 -19.93 23.22 -25.33
CA GLN C 134 -20.53 22.59 -24.14
C GLN C 134 -20.45 21.08 -24.07
N PHE C 135 -21.39 20.50 -24.79
CA PHE C 135 -21.70 19.11 -24.64
C PHE C 135 -20.55 18.24 -25.08
N ILE C 136 -19.92 18.60 -26.18
CA ILE C 136 -18.78 17.81 -26.66
C ILE C 136 -17.55 17.94 -25.74
N ARG C 137 -17.23 19.15 -25.29
CA ARG C 137 -16.04 19.36 -24.46
C ARG C 137 -16.16 18.89 -23.03
N GLN C 138 -17.37 18.70 -22.52
CA GLN C 138 -17.49 18.04 -21.22
C GLN C 138 -16.94 16.61 -21.28
N LYS C 139 -17.26 15.87 -22.34
CA LYS C 139 -16.96 14.46 -22.34
C LYS C 139 -15.58 14.28 -22.93
N ARG C 140 -15.27 15.14 -23.88
CA ARG C 140 -13.95 15.15 -24.47
C ARG C 140 -13.34 16.55 -24.48
N ARG C 141 -12.44 16.78 -23.53
CA ARG C 141 -11.83 18.10 -23.33
C ARG C 141 -10.88 18.51 -24.47
N GLY C 142 -11.10 19.71 -25.00
CA GLY C 142 -10.13 20.35 -25.89
C GLY C 142 -10.11 19.71 -27.27
N ALA C 143 -11.30 19.48 -27.81
CA ALA C 143 -11.50 18.59 -28.94
C ALA C 143 -11.38 19.31 -30.28
N ILE C 144 -12.09 20.42 -30.43
CA ILE C 144 -12.05 21.21 -31.65
C ILE C 144 -10.90 22.20 -31.61
N ASN C 145 -10.22 22.38 -32.73
CA ASN C 145 -9.21 23.42 -32.85
C ASN C 145 -9.68 24.77 -33.37
N SER C 146 -8.69 25.66 -33.47
CA SER C 146 -8.77 26.96 -34.12
C SER C 146 -9.89 27.20 -35.17
N LYS C 147 -9.50 26.87 -36.39
CA LYS C 147 -10.24 27.17 -37.59
C LYS C 147 -11.62 26.56 -37.59
N GLN C 148 -11.78 25.43 -36.91
CA GLN C 148 -13.04 24.71 -36.94
C GLN C 148 -14.11 25.17 -35.94
N LEU C 149 -13.77 25.97 -34.95
CA LEU C 149 -14.83 26.58 -34.17
C LEU C 149 -15.04 28.01 -34.67
N THR C 150 -14.00 28.60 -35.28
CA THR C 150 -14.25 29.82 -36.06
C THR C 150 -15.26 29.49 -37.16
N TYR C 151 -15.04 28.36 -37.82
CA TYR C 151 -15.97 27.82 -38.81
C TYR C 151 -17.36 27.69 -38.26
N LEU C 152 -17.45 27.29 -37.00
CA LEU C 152 -18.69 26.68 -36.62
C LEU C 152 -19.61 27.74 -36.02
N GLU C 153 -19.09 28.89 -35.58
CA GLU C 153 -20.07 29.95 -35.25
C GLU C 153 -20.57 30.68 -36.50
N LYS C 154 -19.79 30.67 -37.58
CA LYS C 154 -20.30 31.29 -38.80
C LYS C 154 -21.09 30.28 -39.60
N TYR C 155 -21.28 29.12 -38.98
CA TYR C 155 -22.24 28.13 -39.45
C TYR C 155 -23.60 28.51 -38.89
N ARG C 156 -24.67 28.43 -39.68
CA ARG C 156 -25.97 28.35 -39.02
C ARG C 156 -26.96 27.45 -39.73
N PRO C 157 -27.73 26.72 -38.91
CA PRO C 157 -28.71 25.70 -39.27
C PRO C 157 -29.98 26.26 -39.90
N LYS C 158 -30.37 25.63 -40.99
CA LYS C 158 -31.75 25.70 -41.41
C LYS C 158 -32.30 24.31 -41.04
N GLN C 159 -31.84 23.88 -39.86
CA GLN C 159 -32.52 22.95 -38.95
C GLN C 159 -32.79 21.58 -39.59
N ARG C 160 -31.85 21.11 -40.40
CA ARG C 160 -32.09 19.98 -41.29
C ARG C 160 -32.39 18.65 -40.56
N LEU C 161 -32.33 18.67 -39.23
CA LEU C 161 -32.64 17.49 -38.43
C LEU C 161 -33.75 17.70 -37.39
N GLY D 1 9.34 17.42 10.32
CA GLY D 1 7.96 17.00 10.27
C GLY D 1 6.95 18.09 9.93
N PRO D 2 6.14 18.49 10.91
CA PRO D 2 4.79 19.06 10.75
C PRO D 2 4.68 20.38 10.00
N LEU D 3 5.70 21.23 10.02
CA LEU D 3 5.58 22.53 9.36
C LEU D 3 5.78 22.34 7.85
N ASN D 4 6.81 21.56 7.52
CA ASN D 4 7.04 21.11 6.14
C ASN D 4 5.79 20.46 5.58
N MET D 5 5.12 19.68 6.43
CA MET D 5 3.98 18.89 6.01
C MET D 5 2.77 19.77 5.78
N ILE D 6 2.53 20.69 6.70
CA ILE D 6 1.44 21.64 6.50
C ILE D 6 1.63 22.47 5.23
N GLN D 7 2.82 22.98 4.93
CA GLN D 7 2.75 23.75 3.71
C GLN D 7 2.71 22.79 2.50
N GLY D 8 3.18 21.55 2.68
CA GLY D 8 2.99 20.55 1.64
C GLY D 8 1.51 20.49 1.31
N VAL D 9 0.70 20.32 2.35
CA VAL D 9 -0.74 20.20 2.17
C VAL D 9 -1.34 21.41 1.49
N LEU D 10 -0.83 22.61 1.77
CA LEU D 10 -1.43 23.72 1.04
C LEU D 10 -0.80 24.01 -0.34
N GLU D 11 0.42 23.54 -0.62
CA GLU D 11 0.94 23.69 -1.99
C GLU D 11 0.49 22.51 -2.83
N LEU D 12 -0.37 21.67 -2.26
CA LEU D 12 -1.25 20.81 -3.07
C LEU D 12 -2.07 21.64 -4.05
N ARG D 13 -2.42 22.85 -3.63
CA ARG D 13 -3.24 23.74 -4.44
C ARG D 13 -2.44 24.50 -5.51
N CYS D 14 -1.12 24.31 -5.54
CA CYS D 14 -0.30 25.03 -6.51
C CYS D 14 0.52 24.13 -7.45
N ARG D 15 0.96 22.98 -6.94
CA ARG D 15 1.65 22.01 -7.79
C ARG D 15 0.67 21.25 -8.67
N THR D 16 1.06 21.04 -9.93
CA THR D 16 0.27 20.23 -10.84
C THR D 16 0.83 18.82 -10.87
N VAL D 17 0.07 17.90 -11.47
CA VAL D 17 0.50 16.52 -11.66
C VAL D 17 1.85 16.42 -12.38
N GLU D 18 2.09 17.39 -13.26
CA GLU D 18 3.24 17.43 -14.16
C GLU D 18 4.59 17.61 -13.44
N ASP D 19 4.54 17.87 -12.14
CA ASP D 19 5.77 17.99 -11.34
C ASP D 19 6.13 16.74 -10.56
N VAL D 20 5.13 15.94 -10.20
CA VAL D 20 5.37 14.76 -9.39
C VAL D 20 5.15 13.42 -10.09
N LEU D 21 4.81 13.44 -11.37
CA LEU D 21 4.56 12.19 -12.09
C LEU D 21 5.86 11.42 -12.32
N THR D 22 5.70 10.12 -12.56
CA THR D 22 6.74 9.37 -13.25
C THR D 22 6.48 9.48 -14.75
N PRO D 23 7.46 10.02 -15.50
CA PRO D 23 7.36 9.98 -16.97
C PRO D 23 7.34 8.55 -17.47
N LEU D 24 6.88 8.33 -18.69
CA LEU D 24 6.37 7.04 -19.10
C LEU D 24 7.45 5.99 -19.39
N GLU D 25 8.69 6.43 -19.58
CA GLU D 25 9.76 5.50 -19.93
C GLU D 25 10.22 4.63 -18.77
N ASP D 26 10.06 5.14 -17.55
CA ASP D 26 10.51 4.47 -16.34
C ASP D 26 9.40 3.72 -15.60
N CYS D 27 8.18 3.79 -16.12
CA CYS D 27 7.04 3.17 -15.46
C CYS D 27 7.05 1.66 -15.72
N PHE D 28 6.70 0.88 -14.70
CA PHE D 28 6.57 -0.55 -14.88
C PHE D 28 5.27 -0.84 -15.64
N MET D 29 5.38 -1.55 -16.74
CA MET D 29 4.27 -1.70 -17.68
C MET D 29 4.33 -3.03 -18.42
N LEU D 30 3.20 -3.47 -18.96
CA LEU D 30 3.15 -4.76 -19.66
C LEU D 30 2.41 -4.72 -21.00
N ASP D 31 3.03 -5.30 -22.02
CA ASP D 31 2.32 -5.60 -23.27
C ASP D 31 1.17 -6.56 -22.99
N ALA D 32 0.01 -6.32 -23.60
CA ALA D 32 -1.13 -7.20 -23.44
C ALA D 32 -0.83 -8.61 -23.94
N SER D 33 -0.05 -8.70 -25.02
CA SER D 33 0.22 -9.98 -25.65
C SER D 33 1.24 -10.77 -24.86
N THR D 34 1.68 -10.22 -23.74
CA THR D 34 2.50 -10.97 -22.80
C THR D 34 1.65 -12.07 -22.17
N VAL D 35 2.32 -13.06 -21.59
CA VAL D 35 1.70 -14.36 -21.31
C VAL D 35 2.22 -14.95 -19.99
N LEU D 36 1.30 -15.31 -19.10
CA LEU D 36 1.65 -15.88 -17.81
C LEU D 36 2.31 -17.25 -17.83
N ASP D 37 3.62 -17.26 -17.99
CA ASP D 37 4.43 -18.39 -17.52
C ASP D 37 4.89 -18.06 -16.09
N PHE D 38 5.73 -18.90 -15.52
CA PHE D 38 6.13 -18.72 -14.13
C PHE D 38 7.06 -17.54 -13.94
N GLY D 39 7.80 -17.20 -15.00
CA GLY D 39 8.80 -16.15 -14.92
C GLY D 39 8.24 -14.75 -14.95
N VAL D 40 7.20 -14.56 -15.75
CA VAL D 40 6.51 -13.28 -15.82
C VAL D 40 5.79 -13.05 -14.49
N LEU D 41 5.14 -14.11 -14.02
CA LEU D 41 4.56 -14.15 -12.68
C LEU D 41 5.57 -13.69 -11.64
N ALA D 42 6.73 -14.32 -11.59
CA ALA D 42 7.77 -14.01 -10.61
C ALA D 42 8.28 -12.57 -10.70
N SER D 43 8.50 -12.10 -11.92
CA SER D 43 9.04 -10.76 -12.11
C SER D 43 7.99 -9.73 -11.71
N ILE D 44 6.72 -10.10 -11.79
CA ILE D 44 5.66 -9.24 -11.27
C ILE D 44 5.60 -9.32 -9.74
N MET D 45 5.81 -10.52 -9.20
CA MET D 45 5.87 -10.73 -7.75
C MET D 45 6.86 -9.77 -7.11
N GLN D 46 8.09 -9.76 -7.61
CA GLN D 46 9.16 -9.03 -6.95
C GLN D 46 9.34 -7.64 -7.55
N SER D 47 8.56 -7.34 -8.58
CA SER D 47 8.38 -5.97 -9.04
C SER D 47 7.92 -5.08 -7.88
N GLY D 48 7.11 -5.66 -7.01
CA GLY D 48 6.54 -4.96 -5.88
C GLY D 48 5.51 -3.90 -6.24
N HIS D 49 5.14 -3.84 -7.51
CA HIS D 49 3.92 -3.13 -7.90
C HIS D 49 2.72 -4.03 -7.70
N THR D 50 1.62 -3.44 -7.24
CA THR D 50 0.38 -4.20 -7.10
C THR D 50 -0.62 -3.85 -8.22
N ARG D 51 -0.36 -2.77 -8.93
CA ARG D 51 -1.17 -2.43 -10.10
C ARG D 51 -0.29 -1.92 -11.24
N ILE D 52 -0.38 -2.62 -12.37
CA ILE D 52 0.50 -2.42 -13.52
C ILE D 52 -0.30 -2.09 -14.77
N PRO D 53 0.01 -0.95 -15.41
CA PRO D 53 -0.61 -0.62 -16.69
C PRO D 53 -0.31 -1.63 -17.80
N VAL D 54 -1.36 -2.02 -18.50
CA VAL D 54 -1.29 -2.91 -19.65
C VAL D 54 -1.61 -2.16 -20.93
N TYR D 55 -0.61 -2.11 -21.81
CA TYR D 55 -0.70 -1.46 -23.11
C TYR D 55 -0.70 -2.49 -24.23
N GLU D 56 -1.30 -2.15 -25.37
CA GLU D 56 -1.05 -2.89 -26.60
C GLU D 56 -0.14 -2.14 -27.56
N GLU D 57 0.96 -2.80 -27.93
CA GLU D 57 1.76 -2.48 -29.11
C GLU D 57 2.68 -1.29 -28.88
N GLU D 58 2.10 -0.11 -28.67
CA GLU D 58 2.86 1.04 -28.21
C GLU D 58 2.60 1.30 -26.74
N ARG D 59 3.60 1.85 -26.04
CA ARG D 59 3.51 2.03 -24.60
C ARG D 59 2.54 3.15 -24.22
N SER D 60 2.43 4.16 -25.07
CA SER D 60 1.54 5.29 -24.79
C SER D 60 0.07 4.95 -25.05
N ASN D 61 -0.23 3.65 -25.09
CA ASN D 61 -1.56 3.18 -25.43
C ASN D 61 -2.05 2.19 -24.39
N ILE D 62 -2.49 2.71 -23.26
CA ILE D 62 -2.86 1.88 -22.13
C ILE D 62 -4.30 1.46 -22.24
N VAL D 63 -4.50 0.15 -22.19
CA VAL D 63 -5.80 -0.45 -22.43
C VAL D 63 -6.38 -0.86 -21.10
N ASP D 64 -5.55 -1.34 -20.19
CA ASP D 64 -6.06 -1.72 -18.88
C ASP D 64 -5.09 -1.57 -17.72
N MET D 65 -5.57 -1.84 -16.51
CA MET D 65 -4.69 -2.07 -15.36
C MET D 65 -4.82 -3.48 -14.79
N LEU D 66 -3.69 -4.17 -14.73
CA LEU D 66 -3.56 -5.44 -14.02
C LEU D 66 -3.40 -5.23 -12.52
N TYR D 67 -4.27 -5.84 -11.72
CA TYR D 67 -4.07 -5.87 -10.28
C TYR D 67 -3.31 -7.14 -9.88
N LEU D 68 -2.48 -7.02 -8.86
CA LEU D 68 -1.75 -8.17 -8.32
C LEU D 68 -2.75 -9.19 -7.78
N LYS D 69 -3.77 -8.70 -7.09
CA LYS D 69 -4.78 -9.55 -6.47
C LYS D 69 -5.56 -10.37 -7.50
N ASP D 70 -5.58 -9.88 -8.74
CA ASP D 70 -6.29 -10.55 -9.84
C ASP D 70 -5.71 -11.89 -10.24
N LEU D 71 -4.39 -12.02 -10.21
CA LEU D 71 -3.75 -13.22 -10.74
C LEU D 71 -3.65 -14.30 -9.66
N ALA D 72 -4.57 -14.24 -8.70
CA ALA D 72 -4.60 -15.18 -7.59
C ALA D 72 -5.04 -16.57 -8.04
N PHE D 73 -5.85 -16.61 -9.09
CA PHE D 73 -6.54 -17.85 -9.43
C PHE D 73 -6.41 -18.12 -10.92
N VAL D 74 -5.60 -17.30 -11.58
CA VAL D 74 -5.05 -17.72 -12.84
C VAL D 74 -3.96 -18.67 -12.41
N ASP D 75 -3.81 -19.73 -13.16
CA ASP D 75 -2.76 -20.69 -12.92
C ASP D 75 -1.78 -20.35 -14.04
N PRO D 76 -0.47 -20.47 -13.83
CA PRO D 76 0.53 -20.20 -14.90
C PRO D 76 1.06 -21.38 -15.74
N GLU D 77 0.56 -22.57 -15.44
CA GLU D 77 0.75 -23.74 -16.32
C GLU D 77 0.43 -23.24 -17.71
N ASP D 78 -0.87 -23.36 -17.93
CA ASP D 78 -1.74 -22.45 -18.62
C ASP D 78 -1.03 -21.18 -19.07
N CYS D 79 -0.81 -21.02 -20.37
CA CYS D 79 -0.05 -19.87 -20.82
C CYS D 79 -1.09 -18.97 -21.43
N THR D 80 -1.54 -18.02 -20.63
CA THR D 80 -2.69 -17.21 -20.98
C THR D 80 -2.24 -15.78 -21.11
N PRO D 81 -2.58 -15.15 -22.23
CA PRO D 81 -2.20 -13.77 -22.51
C PRO D 81 -2.88 -12.79 -21.58
N LEU D 82 -2.20 -11.68 -21.27
CA LEU D 82 -2.72 -10.73 -20.29
C LEU D 82 -3.91 -9.99 -20.86
N SER D 83 -3.96 -9.87 -22.18
CA SER D 83 -5.15 -9.38 -22.88
C SER D 83 -6.46 -9.94 -22.33
N THR D 84 -6.51 -11.26 -22.13
CA THR D 84 -7.73 -11.95 -21.70
C THR D 84 -7.97 -11.81 -20.19
N ILE D 85 -6.88 -12.02 -19.45
CA ILE D 85 -6.87 -11.86 -18.01
C ILE D 85 -7.39 -10.50 -17.57
N THR D 86 -7.07 -9.47 -18.36
CA THR D 86 -7.43 -8.11 -17.99
C THR D 86 -8.89 -7.75 -18.14
N ARG D 87 -9.65 -8.46 -18.96
CA ARG D 87 -11.12 -8.28 -18.93
C ARG D 87 -11.83 -9.53 -18.41
N PHE D 88 -11.10 -10.40 -17.72
CA PHE D 88 -11.78 -11.22 -16.72
C PHE D 88 -12.44 -10.24 -15.75
N TYR D 89 -11.73 -9.14 -15.49
CA TYR D 89 -12.14 -8.06 -14.58
C TYR D 89 -12.09 -6.72 -15.25
N ASN D 90 -13.24 -6.07 -15.42
CA ASN D 90 -13.13 -4.70 -15.84
C ASN D 90 -12.57 -3.87 -14.70
N HIS D 91 -11.32 -3.49 -14.87
CA HIS D 91 -10.64 -2.56 -13.98
C HIS D 91 -10.60 -1.16 -14.53
N PRO D 92 -10.85 -0.18 -13.66
CA PRO D 92 -10.91 1.22 -14.09
C PRO D 92 -9.61 1.78 -14.61
N LEU D 93 -9.73 2.50 -15.72
CA LEU D 93 -8.68 3.40 -16.09
C LEU D 93 -8.99 4.77 -15.58
N HIS D 94 -8.04 5.30 -14.83
CA HIS D 94 -8.16 6.66 -14.38
C HIS D 94 -7.34 7.63 -15.21
N PHE D 95 -8.01 8.54 -15.90
CA PHE D 95 -7.32 9.51 -16.73
C PHE D 95 -7.38 10.92 -16.13
N VAL D 96 -6.24 11.59 -16.13
CA VAL D 96 -6.14 12.94 -15.57
C VAL D 96 -5.24 13.81 -16.43
N PHE D 97 -5.41 15.13 -16.35
CA PHE D 97 -4.70 16.06 -17.21
C PHE D 97 -3.45 16.63 -16.54
N ASN D 98 -2.55 17.15 -17.35
CA ASN D 98 -1.27 17.67 -16.88
C ASN D 98 -1.38 18.83 -15.90
N ASP D 99 -2.40 19.68 -16.08
CA ASP D 99 -2.47 20.94 -15.35
C ASP D 99 -3.47 20.84 -14.20
N THR D 100 -3.86 19.61 -13.88
CA THR D 100 -4.75 19.34 -12.74
C THR D 100 -4.04 19.60 -11.41
N LYS D 101 -4.73 20.31 -10.52
CA LYS D 101 -4.21 20.64 -9.21
C LYS D 101 -4.09 19.37 -8.37
N LEU D 102 -3.06 19.30 -7.52
CA LEU D 102 -2.72 18.06 -6.83
C LEU D 102 -3.81 17.63 -5.84
N ASP D 103 -4.44 18.61 -5.20
CA ASP D 103 -5.49 18.34 -4.23
C ASP D 103 -6.75 17.82 -4.92
N ALA D 104 -6.94 18.23 -6.17
CA ALA D 104 -8.08 17.77 -6.97
C ALA D 104 -7.90 16.32 -7.35
N VAL D 105 -6.66 15.98 -7.72
CA VAL D 105 -6.34 14.59 -8.00
C VAL D 105 -6.43 13.73 -6.75
N LEU D 106 -6.09 14.30 -5.59
CA LEU D 106 -6.27 13.64 -4.28
C LEU D 106 -7.75 13.33 -3.96
N GLU D 107 -8.58 14.36 -4.13
CA GLU D 107 -10.01 14.23 -3.91
C GLU D 107 -10.55 13.19 -4.84
N GLU D 108 -9.94 13.16 -6.01
CA GLU D 108 -10.33 12.17 -6.96
C GLU D 108 -9.87 10.82 -6.37
N PHE D 109 -8.67 10.79 -5.79
CA PHE D 109 -8.05 9.52 -5.38
C PHE D 109 -8.89 8.76 -4.36
N LYS D 110 -9.43 9.42 -3.35
CA LYS D 110 -10.33 8.63 -2.46
C LYS D 110 -11.83 8.83 -2.71
N ARG D 111 -12.20 9.52 -3.78
CA ARG D 111 -13.47 9.25 -4.46
C ARG D 111 -13.37 7.92 -5.25
N GLY D 112 -12.82 6.90 -4.62
CA GLY D 112 -12.94 5.53 -5.08
C GLY D 112 -12.06 5.00 -6.20
N LYS D 113 -11.95 5.77 -7.29
CA LYS D 113 -11.02 5.58 -8.40
C LYS D 113 -9.73 4.84 -8.10
N SER D 114 -9.13 4.27 -9.15
CA SER D 114 -7.78 3.69 -9.06
C SER D 114 -6.71 4.66 -8.58
N HIS D 115 -5.91 4.17 -7.64
CA HIS D 115 -4.78 4.94 -7.05
C HIS D 115 -3.65 5.25 -8.05
N LEU D 116 -3.74 4.66 -9.23
CA LEU D 116 -2.87 5.06 -10.30
C LEU D 116 -3.71 5.83 -11.33
N ALA D 117 -3.41 7.11 -11.53
CA ALA D 117 -3.98 7.86 -12.64
C ALA D 117 -2.93 8.01 -13.72
N ILE D 118 -3.38 8.08 -14.96
CA ILE D 118 -2.47 8.29 -16.09
C ILE D 118 -2.61 9.71 -16.63
N VAL D 119 -1.49 10.30 -17.05
CA VAL D 119 -1.42 11.72 -17.37
C VAL D 119 -1.46 12.04 -18.87
N GLN D 120 -2.39 12.93 -19.23
CA GLN D 120 -2.54 13.44 -20.59
C GLN D 120 -2.25 14.93 -20.67
N LYS D 121 -1.60 15.36 -21.75
CA LYS D 121 -1.66 16.78 -22.11
C LYS D 121 -2.28 16.95 -23.50
N VAL D 122 -2.98 18.05 -23.74
CA VAL D 122 -3.41 18.36 -25.09
C VAL D 122 -2.21 18.95 -25.82
N ASN D 123 -2.15 18.76 -27.14
CA ASN D 123 -1.00 19.27 -27.86
C ASN D 123 -1.47 19.88 -29.17
N ASN D 124 -0.90 21.03 -29.51
CA ASN D 124 -1.44 21.88 -30.56
C ASN D 124 -0.33 22.52 -31.39
N GLU D 125 0.92 22.25 -31.00
CA GLU D 125 2.07 22.63 -31.81
C GLU D 125 2.49 21.50 -32.74
N GLY D 128 -3.65 21.31 -38.10
CA GLY D 128 -3.60 20.01 -37.45
C GLY D 128 -4.57 19.88 -36.30
N ASP D 129 -5.40 18.83 -36.36
CA ASP D 129 -6.14 18.34 -35.20
C ASP D 129 -5.33 18.29 -33.91
N PRO D 130 -5.91 18.77 -32.81
CA PRO D 130 -5.34 18.58 -31.48
C PRO D 130 -5.25 17.09 -31.14
N PHE D 131 -4.21 16.67 -30.42
CA PHE D 131 -4.22 15.31 -29.90
C PHE D 131 -3.81 15.27 -28.43
N TYR D 132 -4.38 14.31 -27.71
CA TYR D 132 -3.92 13.98 -26.36
C TYR D 132 -2.55 13.35 -26.45
N GLU D 133 -1.77 13.51 -25.39
CA GLU D 133 -0.36 13.15 -25.38
C GLU D 133 0.01 12.61 -24.01
N VAL D 134 0.24 11.31 -23.94
CA VAL D 134 0.55 10.68 -22.66
C VAL D 134 1.94 11.08 -22.17
N LEU D 135 2.03 11.50 -20.91
CA LEU D 135 3.29 11.93 -20.33
C LEU D 135 3.81 10.86 -19.37
N GLY D 136 2.94 10.39 -18.47
CA GLY D 136 3.23 9.22 -17.68
C GLY D 136 2.15 8.87 -16.67
N LEU D 137 2.56 8.44 -15.49
CA LEU D 137 1.63 8.04 -14.44
C LEU D 137 1.84 8.83 -13.15
N VAL D 138 0.75 9.12 -12.47
CA VAL D 138 0.82 9.62 -11.10
C VAL D 138 0.14 8.63 -10.15
N THR D 139 0.75 8.42 -8.98
CA THR D 139 0.18 7.56 -7.96
C THR D 139 -0.26 8.39 -6.76
N LEU D 140 -1.13 7.82 -5.95
CA LEU D 140 -1.49 8.46 -4.69
C LEU D 140 -0.27 8.69 -3.79
N GLU D 141 0.70 7.79 -3.83
CA GLU D 141 1.91 7.94 -3.01
C GLU D 141 2.84 9.04 -3.50
N ASP D 142 2.77 9.37 -4.79
CA ASP D 142 3.50 10.52 -5.30
C ASP D 142 3.04 11.81 -4.63
N VAL D 143 1.74 11.91 -4.35
CA VAL D 143 1.18 13.07 -3.66
C VAL D 143 1.43 12.97 -2.15
N ILE D 144 1.25 11.76 -1.62
CA ILE D 144 1.49 11.50 -0.21
C ILE D 144 2.88 11.95 0.21
N GLU D 145 3.88 11.58 -0.57
CA GLU D 145 5.24 12.03 -0.30
C GLU D 145 5.39 13.54 -0.46
N GLU D 146 4.54 14.15 -1.29
CA GLU D 146 4.57 15.61 -1.42
C GLU D 146 4.08 16.24 -0.14
N ILE D 147 3.26 15.53 0.62
CA ILE D 147 2.94 16.02 1.97
C ILE D 147 4.00 15.65 3.01
N ILE D 148 4.30 14.36 3.13
CA ILE D 148 5.07 13.89 4.29
C ILE D 148 6.58 14.09 4.12
N ARG D 149 6.99 14.64 2.99
CA ARG D 149 8.26 15.35 2.88
C ARG D 149 8.07 16.69 2.15
#